data_2YCK
#
_entry.id   2YCK
#
_cell.length_a   63.955
_cell.length_b   63.955
_cell.length_c   175.095
_cell.angle_alpha   90.00
_cell.angle_beta   90.00
_cell.angle_gamma   90.00
#
_symmetry.space_group_name_H-M   'P 43 21 2'
#
loop_
_entity.id
_entity.type
_entity.pdbx_description
1 polymer '5-METHYLTETRAHYDROFOLATE CORRINOID/IRON SULFUR PROTEIN METHYLTRANSFERASE'
2 non-polymer 'SULFATE ION'
3 non-polymer GLYCEROL
4 non-polymer (6S)-5,6,7,8-TETRAHYDROFOLATE
5 water water
#
_entity_poly.entity_id   1
_entity_poly.type   'polypeptide(L)'
_entity_poly.pdbx_seq_one_letter_code
;GGLVPRGSHMFIMIGERINGMFKDIREAILNKDPRPIQEWARRQAEKGAHYLDVNTGPTADDPVRVMEWLVKTIQEVVDL
PCCLDSTNPDAIEAGLKVHRGHAMINSTSADQWKMDIFFPMAKKYEAAIIGLTMNEKGVPKDANDRSQLAMELVANADAH
GIPMTELYIDPLILPVNVAQEHAVEVLETIRQIKLMANPAPRTVLGLSNVSQKCPDRPLINRTYLVMAMTAGLDAAIMDV
DDDALVDAAATAHILLNKEIYCDSYLKTFRQK
;
_entity_poly.pdbx_strand_id   X
#
loop_
_chem_comp.id
_chem_comp.type
_chem_comp.name
_chem_comp.formula
GOL non-polymer GLYCEROL 'C3 H8 O3'
SO4 non-polymer 'SULFATE ION' 'O4 S -2'
THG non-polymer (6S)-5,6,7,8-TETRAHYDROFOLATE 'C19 H23 N7 O6'
#
# COMPACT_ATOMS: atom_id res chain seq x y z
N GLY A 1 -22.32 9.55 0.14
CA GLY A 1 -21.24 10.15 -0.62
C GLY A 1 -21.49 11.61 -0.93
N GLY A 2 -20.94 12.11 -2.03
CA GLY A 2 -19.92 11.39 -2.76
C GLY A 2 -18.65 11.57 -1.96
N LEU A 3 -18.28 12.82 -1.72
CA LEU A 3 -17.08 13.13 -0.94
C LEU A 3 -17.27 12.94 0.56
N VAL A 4 -18.51 12.86 1.02
CA VAL A 4 -18.74 12.49 2.40
C VAL A 4 -18.53 10.97 2.52
N PRO A 5 -17.48 10.55 3.22
CA PRO A 5 -17.13 9.12 3.28
C PRO A 5 -18.24 8.28 3.92
N ARG A 6 -18.51 7.11 3.36
CA ARG A 6 -19.48 6.20 3.93
C ARG A 6 -19.07 5.77 5.33
N GLY A 7 -17.76 5.56 5.52
CA GLY A 7 -17.27 5.02 6.77
C GLY A 7 -16.43 6.00 7.56
N SER A 8 -15.79 5.48 8.61
CA SER A 8 -14.94 6.29 9.46
C SER A 8 -13.72 5.49 9.89
N HIS A 9 -13.31 4.58 9.02
CA HIS A 9 -12.13 3.75 9.31
C HIS A 9 -10.88 4.63 9.33
N MET A 10 -10.01 4.35 10.28
CA MET A 10 -8.73 5.03 10.40
C MET A 10 -7.98 4.89 9.08
N PHE A 11 -7.30 5.94 8.66
CA PHE A 11 -6.46 5.83 7.47
C PHE A 11 -5.37 4.79 7.74
N ILE A 12 -5.11 3.94 6.76
CA ILE A 12 -4.11 2.87 6.95
C ILE A 12 -2.73 3.24 6.39
N MET A 13 -1.76 3.42 7.28
CA MET A 13 -0.42 3.78 6.86
C MET A 13 0.47 2.55 6.72
N ILE A 14 1.03 2.37 5.53
CA ILE A 14 1.91 1.24 5.26
C ILE A 14 3.32 1.76 5.10
N GLY A 15 4.16 1.51 6.09
CA GLY A 15 5.52 2.01 6.08
C GLY A 15 6.28 1.45 4.90
N GLU A 16 6.89 2.34 4.11
CA GLU A 16 7.49 1.96 2.84
C GLU A 16 8.94 1.54 2.90
N ARG A 17 9.59 1.71 4.05
CA ARG A 17 11.05 1.83 4.07
C ARG A 17 11.86 0.53 3.97
N ILE A 18 11.25 -0.60 4.33
CA ILE A 18 11.98 -1.87 4.27
C ILE A 18 11.86 -2.44 2.85
N ASN A 19 12.73 -1.96 1.98
CA ASN A 19 12.60 -2.15 0.55
C ASN A 19 13.98 -2.19 -0.06
N GLY A 20 14.34 -3.32 -0.65
CA GLY A 20 15.67 -3.52 -1.17
C GLY A 20 16.13 -2.52 -2.22
N MET A 21 15.26 -1.59 -2.61
CA MET A 21 15.71 -0.52 -3.50
C MET A 21 16.62 0.42 -2.71
N PHE A 22 16.49 0.40 -1.39
CA PHE A 22 17.36 1.19 -0.53
C PHE A 22 18.62 0.43 -0.22
N LYS A 23 19.76 1.11 -0.31
CA LYS A 23 21.04 0.47 -0.16
C LYS A 23 21.18 -0.24 1.19
N ASP A 24 20.87 0.46 2.29
CA ASP A 24 21.04 -0.15 3.60
C ASP A 24 20.26 -1.47 3.76
N ILE A 25 19.06 -1.53 3.21
CA ILE A 25 18.24 -2.74 3.23
C ILE A 25 18.85 -3.82 2.33
N ARG A 26 19.32 -3.40 1.17
CA ARG A 26 19.89 -4.31 0.21
C ARG A 26 21.11 -4.98 0.82
N GLU A 27 21.90 -4.18 1.53
CA GLU A 27 23.15 -4.67 2.08
C GLU A 27 22.89 -5.46 3.36
N ALA A 28 21.87 -5.09 4.12
CA ALA A 28 21.53 -5.86 5.29
C ALA A 28 21.13 -7.27 4.82
N ILE A 29 20.38 -7.33 3.72
CA ILE A 29 19.96 -8.61 3.15
C ILE A 29 21.17 -9.41 2.65
N LEU A 30 22.11 -8.73 2.00
CA LEU A 30 23.32 -9.37 1.52
C LEU A 30 24.12 -9.99 2.65
N ASN A 31 24.37 -9.21 3.69
CA ASN A 31 25.15 -9.67 4.83
C ASN A 31 24.32 -10.46 5.84
N LYS A 32 23.06 -10.69 5.52
CA LYS A 32 22.11 -11.28 6.47
C LYS A 32 22.28 -10.63 7.84
N ASP A 33 22.36 -9.30 7.85
CA ASP A 33 22.38 -8.53 9.08
C ASP A 33 20.96 -8.08 9.42
N PRO A 34 20.37 -8.63 10.49
CA PRO A 34 18.99 -8.32 10.88
C PRO A 34 18.83 -6.96 11.53
N ARG A 35 19.94 -6.34 11.94
CA ARG A 35 19.88 -5.10 12.68
C ARG A 35 19.23 -3.94 11.90
N PRO A 36 19.66 -3.70 10.66
CA PRO A 36 19.07 -2.57 9.94
C PRO A 36 17.58 -2.78 9.65
N ILE A 37 17.19 -4.03 9.47
CA ILE A 37 15.80 -4.37 9.20
C ILE A 37 14.96 -4.13 10.45
N GLN A 38 15.47 -4.59 11.59
CA GLN A 38 14.77 -4.41 12.85
C GLN A 38 14.75 -2.96 13.27
N GLU A 39 15.80 -2.22 12.96
CA GLU A 39 15.81 -0.81 13.30
C GLU A 39 14.68 -0.07 12.56
N TRP A 40 14.56 -0.34 11.26
CA TRP A 40 13.54 0.29 10.44
C TRP A 40 12.15 -0.19 10.78
N ALA A 41 12.07 -1.43 11.27
CA ALA A 41 10.79 -1.95 11.72
C ALA A 41 10.33 -1.17 12.94
N ARG A 42 11.22 -1.07 13.92
CA ARG A 42 10.88 -0.34 15.15
C ARG A 42 10.57 1.12 14.84
N ARG A 43 11.44 1.77 14.07
CA ARG A 43 11.22 3.18 13.75
C ARG A 43 9.86 3.43 13.15
N GLN A 44 9.49 2.62 12.16
CA GLN A 44 8.23 2.81 11.46
C GLN A 44 7.05 2.55 12.38
N ALA A 45 7.17 1.51 13.19
CA ALA A 45 6.14 1.20 14.17
C ALA A 45 5.92 2.39 15.12
N GLU A 46 7.03 2.97 15.57
CA GLU A 46 6.98 4.09 16.51
C GLU A 46 6.33 5.32 15.88
N LYS A 47 6.40 5.41 14.56
CA LYS A 47 5.81 6.53 13.84
C LYS A 47 4.34 6.26 13.53
N GLY A 48 3.90 5.04 13.79
CA GLY A 48 2.49 4.71 13.76
C GLY A 48 2.01 3.85 12.60
N ALA A 49 2.94 3.25 11.86
CA ALA A 49 2.57 2.39 10.73
C ALA A 49 1.57 1.31 11.14
N HIS A 50 0.63 0.99 10.28
CA HIS A 50 -0.28 -0.13 10.52
C HIS A 50 0.24 -1.41 9.86
N TYR A 51 0.90 -1.25 8.72
CA TYR A 51 1.61 -2.35 8.08
C TYR A 51 3.01 -1.88 7.75
N LEU A 52 3.94 -2.82 7.63
CA LEU A 52 5.24 -2.54 7.06
C LEU A 52 5.37 -3.21 5.68
N ASP A 53 5.57 -2.42 4.64
CA ASP A 53 5.80 -3.00 3.31
C ASP A 53 7.12 -3.77 3.40
N VAL A 54 7.20 -4.87 2.66
CA VAL A 54 8.39 -5.70 2.68
C VAL A 54 8.75 -6.08 1.26
N ASN A 55 9.87 -5.55 0.79
CA ASN A 55 10.26 -5.71 -0.60
C ASN A 55 11.74 -6.08 -0.65
N THR A 56 12.05 -7.20 -1.32
CA THR A 56 13.40 -7.72 -1.34
C THR A 56 14.36 -6.79 -2.11
N GLY A 57 13.83 -6.07 -3.08
CA GLY A 57 14.67 -5.34 -4.02
C GLY A 57 15.30 -6.29 -5.02
N PRO A 58 16.19 -5.78 -5.87
CA PRO A 58 16.87 -6.68 -6.79
C PRO A 58 17.85 -7.55 -6.02
N THR A 59 17.92 -8.83 -6.36
CA THR A 59 18.83 -9.75 -5.70
C THR A 59 19.05 -10.97 -6.55
N ALA A 60 20.26 -11.51 -6.53
CA ALA A 60 20.56 -12.76 -7.22
C ALA A 60 20.33 -13.93 -6.29
N ASP A 61 19.87 -13.65 -5.07
CA ASP A 61 19.61 -14.68 -4.09
CA ASP A 61 19.61 -14.68 -4.09
C ASP A 61 18.21 -15.25 -4.26
N ASP A 62 17.92 -16.36 -3.58
CA ASP A 62 16.57 -16.95 -3.64
C ASP A 62 15.59 -16.03 -2.93
N PRO A 63 14.69 -15.40 -3.69
CA PRO A 63 13.75 -14.44 -3.11
C PRO A 63 12.81 -15.09 -2.07
N VAL A 64 12.52 -16.36 -2.25
CA VAL A 64 11.73 -17.07 -1.24
C VAL A 64 12.42 -16.99 0.12
N ARG A 65 13.72 -17.28 0.16
CA ARG A 65 14.46 -17.27 1.42
C ARG A 65 14.52 -15.86 1.95
N VAL A 66 14.87 -14.92 1.07
CA VAL A 66 14.97 -13.53 1.46
C VAL A 66 13.67 -13.02 2.10
N MET A 67 12.54 -13.27 1.43
CA MET A 67 11.26 -12.79 1.95
C MET A 67 10.97 -13.39 3.33
N GLU A 68 11.13 -14.71 3.44
CA GLU A 68 10.99 -15.41 4.71
C GLU A 68 11.78 -14.74 5.80
N TRP A 69 13.07 -14.55 5.52
CA TRP A 69 13.99 -13.94 6.47
C TRP A 69 13.54 -12.53 6.88
N LEU A 70 13.20 -11.71 5.89
CA LEU A 70 12.69 -10.37 6.19
C LEU A 70 11.47 -10.41 7.11
N VAL A 71 10.51 -11.28 6.80
CA VAL A 71 9.27 -11.31 7.58
C VAL A 71 9.55 -11.73 9.02
N LYS A 72 10.32 -12.81 9.19
CA LYS A 72 10.60 -13.31 10.52
C LYS A 72 11.39 -12.27 11.30
N THR A 73 12.37 -11.66 10.64
CA THR A 73 13.23 -10.67 11.26
C THR A 73 12.45 -9.46 11.74
N ILE A 74 11.53 -9.00 10.91
CA ILE A 74 10.71 -7.86 11.25
C ILE A 74 9.82 -8.21 12.44
N GLN A 75 9.08 -9.30 12.30
CA GLN A 75 8.04 -9.63 13.26
C GLN A 75 8.66 -10.11 14.58
N GLU A 76 9.97 -10.26 14.58
CA GLU A 76 10.69 -10.61 15.79
C GLU A 76 10.74 -9.43 16.77
N VAL A 77 10.58 -8.21 16.25
CA VAL A 77 10.78 -7.03 17.08
C VAL A 77 9.58 -6.10 17.14
N VAL A 78 8.63 -6.28 16.25
CA VAL A 78 7.40 -5.49 16.31
C VAL A 78 6.18 -6.36 16.09
N ASP A 79 5.08 -5.97 16.73
CA ASP A 79 3.83 -6.69 16.54
C ASP A 79 3.01 -5.98 15.48
N LEU A 80 3.48 -6.06 14.24
CA LEU A 80 2.80 -5.44 13.11
C LEU A 80 2.70 -6.44 11.98
N PRO A 81 1.63 -6.34 11.17
CA PRO A 81 1.53 -7.22 10.00
C PRO A 81 2.41 -6.71 8.86
N CYS A 82 2.65 -7.57 7.89
CA CYS A 82 3.48 -7.20 6.76
C CYS A 82 2.67 -7.02 5.50
N CYS A 83 3.10 -6.05 4.70
CA CYS A 83 2.53 -5.90 3.39
C CYS A 83 3.59 -6.44 2.45
N LEU A 84 3.37 -7.67 1.99
CA LEU A 84 4.39 -8.43 1.27
C LEU A 84 4.47 -7.98 -0.17
N ASP A 85 5.60 -7.38 -0.49
CA ASP A 85 5.75 -6.60 -1.73
C ASP A 85 6.68 -7.28 -2.73
N SER A 86 6.09 -8.05 -3.64
CA SER A 86 6.84 -8.83 -4.63
C SER A 86 5.93 -9.22 -5.80
N THR A 87 6.51 -9.42 -6.97
CA THR A 87 5.78 -10.01 -8.09
C THR A 87 5.93 -11.54 -8.12
N ASN A 88 6.82 -12.06 -7.30
CA ASN A 88 7.02 -13.50 -7.22
C ASN A 88 6.05 -14.18 -6.25
N PRO A 89 5.09 -14.95 -6.78
CA PRO A 89 4.06 -15.59 -5.95
C PRO A 89 4.61 -16.57 -4.91
N ASP A 90 5.74 -17.21 -5.17
CA ASP A 90 6.35 -18.13 -4.23
C ASP A 90 7.07 -17.40 -3.10
N ALA A 91 7.68 -16.27 -3.44
CA ALA A 91 8.21 -15.36 -2.44
C ALA A 91 7.04 -14.92 -1.55
N ILE A 92 5.95 -14.46 -2.17
CA ILE A 92 4.78 -14.05 -1.38
C ILE A 92 4.30 -15.16 -0.46
N GLU A 93 4.07 -16.35 -1.00
CA GLU A 93 3.51 -17.44 -0.20
C GLU A 93 4.45 -17.87 0.92
N ALA A 94 5.75 -17.88 0.63
CA ALA A 94 6.75 -18.19 1.64
C ALA A 94 6.59 -17.22 2.80
N GLY A 95 6.39 -15.95 2.48
CA GLY A 95 6.21 -14.93 3.49
C GLY A 95 4.93 -15.18 4.27
N LEU A 96 3.86 -15.49 3.56
CA LEU A 96 2.58 -15.73 4.21
C LEU A 96 2.68 -16.91 5.17
N LYS A 97 3.46 -17.92 4.80
CA LYS A 97 3.61 -19.12 5.64
C LYS A 97 4.25 -18.85 7.00
N VAL A 98 5.17 -17.90 7.06
CA VAL A 98 5.84 -17.64 8.33
C VAL A 98 5.27 -16.39 9.01
N HIS A 99 4.26 -15.80 8.39
CA HIS A 99 3.74 -14.51 8.85
C HIS A 99 2.85 -14.69 10.06
N ARG A 100 3.05 -13.84 11.05
CA ARG A 100 2.20 -13.84 12.23
C ARG A 100 1.08 -12.80 12.04
N GLY A 101 -0.17 -13.26 12.10
CA GLY A 101 -1.32 -12.40 11.91
C GLY A 101 -1.75 -12.33 10.46
N HIS A 102 -2.60 -11.35 10.15
CA HIS A 102 -3.09 -11.19 8.79
C HIS A 102 -2.24 -10.25 7.97
N ALA A 103 -1.67 -10.81 6.91
CA ALA A 103 -0.76 -10.07 6.04
C ALA A 103 -1.52 -9.33 4.96
N MET A 104 -0.80 -8.56 4.16
CA MET A 104 -1.35 -7.98 2.95
C MET A 104 -0.47 -8.40 1.78
N ILE A 105 -1.11 -8.81 0.70
CA ILE A 105 -0.38 -9.19 -0.50
C ILE A 105 -0.23 -8.02 -1.49
N ASN A 106 0.99 -7.76 -1.92
CA ASN A 106 1.29 -6.62 -2.76
C ASN A 106 2.15 -7.03 -3.94
N SER A 107 1.56 -7.44 -5.05
CA SER A 107 0.15 -7.29 -5.36
C SER A 107 -0.15 -8.19 -6.56
N THR A 108 -1.40 -8.18 -7.00
CA THR A 108 -1.73 -8.81 -8.26
C THR A 108 -2.07 -7.72 -9.25
N SER A 109 -1.75 -7.97 -10.52
CA SER A 109 -2.22 -7.11 -11.59
C SER A 109 -3.59 -7.60 -12.02
N ALA A 110 -4.17 -6.90 -12.99
CA ALA A 110 -5.42 -7.34 -13.58
C ALA A 110 -5.19 -8.40 -14.66
N ASP A 111 -3.96 -8.90 -14.78
CA ASP A 111 -3.70 -10.03 -15.69
C ASP A 111 -4.39 -11.26 -15.15
N GLN A 112 -5.10 -11.97 -16.02
CA GLN A 112 -5.94 -13.07 -15.58
C GLN A 112 -5.16 -14.18 -14.87
N TRP A 113 -3.95 -14.47 -15.34
CA TRP A 113 -3.19 -15.56 -14.73
C TRP A 113 -2.58 -15.14 -13.40
N LYS A 114 -2.40 -13.83 -13.24
CA LYS A 114 -1.94 -13.29 -11.97
C LYS A 114 -3.07 -13.37 -10.96
N MET A 115 -4.25 -12.90 -11.36
CA MET A 115 -5.43 -12.94 -10.51
C MET A 115 -5.72 -14.36 -10.04
N ASP A 116 -5.72 -15.31 -10.98
CA ASP A 116 -5.98 -16.73 -10.66
C ASP A 116 -5.00 -17.30 -9.65
N ILE A 117 -3.76 -16.80 -9.63
CA ILE A 117 -2.78 -17.25 -8.65
C ILE A 117 -2.91 -16.54 -7.30
N PHE A 118 -3.06 -15.23 -7.32
CA PHE A 118 -2.96 -14.45 -6.10
C PHE A 118 -4.22 -14.45 -5.24
N PHE A 119 -5.38 -14.39 -5.89
CA PHE A 119 -6.63 -14.33 -5.15
C PHE A 119 -6.85 -15.56 -4.26
N PRO A 120 -6.64 -16.77 -4.80
CA PRO A 120 -6.86 -17.93 -3.93
C PRO A 120 -5.88 -17.93 -2.77
N MET A 121 -4.70 -17.38 -3.00
CA MET A 121 -3.67 -17.30 -1.96
C MET A 121 -4.09 -16.33 -0.84
N ALA A 122 -4.69 -15.20 -1.20
CA ALA A 122 -5.19 -14.27 -0.19
C ALA A 122 -6.31 -14.93 0.62
N LYS A 123 -7.22 -15.56 -0.08
CA LYS A 123 -8.32 -16.28 0.54
C LYS A 123 -7.76 -17.32 1.52
N LYS A 124 -6.83 -18.14 1.03
CA LYS A 124 -6.25 -19.23 1.80
C LYS A 124 -5.58 -18.74 3.08
N TYR A 125 -4.79 -17.69 2.97
CA TYR A 125 -4.03 -17.21 4.12
C TYR A 125 -4.75 -16.10 4.88
N GLU A 126 -5.92 -15.72 4.38
CA GLU A 126 -6.73 -14.71 5.04
C GLU A 126 -5.97 -13.41 5.09
N ALA A 127 -5.37 -13.08 3.96
CA ALA A 127 -4.59 -11.86 3.82
C ALA A 127 -5.35 -10.87 2.96
N ALA A 128 -5.22 -9.59 3.29
CA ALA A 128 -5.71 -8.55 2.41
C ALA A 128 -4.88 -8.60 1.12
N ILE A 129 -5.41 -8.07 0.03
CA ILE A 129 -4.69 -8.11 -1.23
C ILE A 129 -4.84 -6.83 -2.04
N ILE A 130 -3.71 -6.32 -2.53
CA ILE A 130 -3.72 -5.14 -3.38
C ILE A 130 -3.84 -5.61 -4.82
N GLY A 131 -4.72 -4.94 -5.57
CA GLY A 131 -4.85 -5.18 -7.00
C GLY A 131 -4.51 -3.90 -7.76
N LEU A 132 -3.48 -3.96 -8.60
CA LEU A 132 -3.04 -2.82 -9.39
C LEU A 132 -3.89 -2.71 -10.64
N THR A 133 -4.31 -1.48 -10.98
CA THR A 133 -5.09 -1.26 -12.19
C THR A 133 -4.20 -1.24 -13.43
N MET A 134 -3.69 -2.41 -13.79
CA MET A 134 -2.84 -2.54 -14.96
C MET A 134 -2.76 -3.99 -15.40
N ASN A 135 -2.41 -4.18 -16.66
CA ASN A 135 -2.14 -5.52 -17.18
C ASN A 135 -0.99 -5.45 -18.18
N GLU A 136 -0.70 -6.56 -18.83
CA GLU A 136 0.39 -6.60 -19.81
C GLU A 136 0.29 -5.54 -20.90
N LYS A 137 -0.93 -5.09 -21.20
CA LYS A 137 -1.11 -4.02 -22.19
C LYS A 137 -0.62 -2.67 -21.66
N GLY A 138 -0.27 -2.63 -20.38
CA GLY A 138 0.30 -1.44 -19.78
C GLY A 138 -0.61 -0.78 -18.76
N VAL A 139 -0.16 0.35 -18.22
CA VAL A 139 -0.99 1.15 -17.32
C VAL A 139 -1.86 2.10 -18.14
N PRO A 140 -3.18 2.03 -17.93
CA PRO A 140 -4.08 2.92 -18.66
C PRO A 140 -3.86 4.38 -18.25
N LYS A 141 -3.98 5.30 -19.19
CA LYS A 141 -3.83 6.71 -18.89
C LYS A 141 -5.10 7.25 -18.24
N ASP A 142 -6.24 7.01 -18.88
CA ASP A 142 -7.53 7.53 -18.42
C ASP A 142 -8.06 6.89 -17.15
N ALA A 143 -8.75 7.71 -16.36
CA ALA A 143 -9.44 7.21 -15.18
C ALA A 143 -10.43 6.13 -15.60
N ASN A 144 -11.15 6.37 -16.69
CA ASN A 144 -12.14 5.41 -17.14
C ASN A 144 -11.50 4.07 -17.48
N ASP A 145 -10.30 4.12 -18.04
CA ASP A 145 -9.60 2.90 -18.45
C ASP A 145 -8.99 2.19 -17.25
N ARG A 146 -8.49 2.97 -16.30
CA ARG A 146 -8.10 2.41 -15.02
C ARG A 146 -9.29 1.75 -14.31
N SER A 147 -10.44 2.43 -14.32
CA SER A 147 -11.65 1.93 -13.67
C SER A 147 -12.15 0.59 -14.19
N GLN A 148 -12.11 0.40 -15.52
CA GLN A 148 -12.40 -0.89 -16.10
C GLN A 148 -11.57 -1.98 -15.46
N LEU A 149 -10.27 -1.75 -15.35
CA LEU A 149 -9.38 -2.74 -14.75
C LEU A 149 -9.70 -2.95 -13.28
N ALA A 150 -10.10 -1.87 -12.62
CA ALA A 150 -10.59 -1.93 -11.25
C ALA A 150 -11.80 -2.86 -11.18
N MET A 151 -12.76 -2.63 -12.08
CA MET A 151 -13.97 -3.45 -12.13
C MET A 151 -13.62 -4.90 -12.28
N GLU A 152 -12.59 -5.18 -13.09
CA GLU A 152 -12.18 -6.55 -13.36
C GLU A 152 -11.55 -7.18 -12.13
N LEU A 153 -10.83 -6.36 -11.36
CA LEU A 153 -10.29 -6.81 -10.09
C LEU A 153 -11.40 -7.16 -9.08
N VAL A 154 -12.36 -6.25 -8.92
CA VAL A 154 -13.49 -6.50 -8.04
C VAL A 154 -14.15 -7.83 -8.38
N ALA A 155 -14.48 -8.00 -9.66
CA ALA A 155 -15.18 -9.20 -10.13
C ALA A 155 -14.44 -10.48 -9.76
N ASN A 156 -13.14 -10.52 -10.06
CA ASN A 156 -12.31 -11.68 -9.73
C ASN A 156 -12.17 -11.91 -8.23
N ALA A 157 -11.94 -10.84 -7.47
CA ALA A 157 -11.81 -10.99 -6.02
C ALA A 157 -13.09 -11.58 -5.46
N ASP A 158 -14.21 -11.03 -5.89
CA ASP A 158 -15.51 -11.45 -5.43
C ASP A 158 -15.77 -12.89 -5.83
N ALA A 159 -15.26 -13.26 -7.00
CA ALA A 159 -15.45 -14.60 -7.51
C ALA A 159 -14.64 -15.60 -6.71
N HIS A 160 -13.64 -15.13 -5.97
CA HIS A 160 -12.86 -16.00 -5.10
C HIS A 160 -13.34 -15.94 -3.65
N GLY A 161 -14.47 -15.27 -3.44
CA GLY A 161 -15.01 -15.10 -2.10
C GLY A 161 -14.30 -14.10 -1.21
N ILE A 162 -13.44 -13.25 -1.78
CA ILE A 162 -12.75 -12.26 -0.98
C ILE A 162 -13.62 -11.03 -0.71
N PRO A 163 -13.79 -10.67 0.57
CA PRO A 163 -14.64 -9.52 0.87
C PRO A 163 -14.02 -8.21 0.40
N MET A 164 -14.86 -7.24 0.06
CA MET A 164 -14.39 -5.99 -0.49
C MET A 164 -13.50 -5.23 0.51
N THR A 165 -13.75 -5.48 1.80
CA THR A 165 -12.97 -4.85 2.85
C THR A 165 -11.52 -5.37 2.90
N GLU A 166 -11.26 -6.43 2.12
CA GLU A 166 -9.96 -7.09 2.09
C GLU A 166 -9.24 -6.80 0.78
N LEU A 167 -9.92 -6.08 -0.10
CA LEU A 167 -9.38 -5.79 -1.42
C LEU A 167 -9.00 -4.31 -1.56
N TYR A 168 -7.72 -4.06 -1.82
CA TYR A 168 -7.22 -2.70 -1.96
C TYR A 168 -6.78 -2.44 -3.38
N ILE A 169 -7.54 -1.61 -4.08
CA ILE A 169 -7.25 -1.28 -5.47
C ILE A 169 -6.25 -0.14 -5.59
N ASP A 170 -5.22 -0.37 -6.39
CA ASP A 170 -4.15 0.61 -6.61
C ASP A 170 -4.16 1.08 -8.07
N PRO A 171 -4.58 2.34 -8.29
CA PRO A 171 -4.63 2.91 -9.65
C PRO A 171 -3.26 3.37 -10.15
N LEU A 172 -2.22 3.13 -9.37
CA LEU A 172 -0.84 3.37 -9.83
C LEU A 172 -0.49 4.85 -10.09
N ILE A 173 -0.02 5.55 -9.06
CA ILE A 173 0.41 6.93 -9.25
C ILE A 173 1.83 6.95 -9.85
N LEU A 174 2.12 7.98 -10.65
CA LEU A 174 3.38 8.08 -11.36
C LEU A 174 3.94 9.45 -11.05
N PRO A 175 5.27 9.63 -11.24
CA PRO A 175 5.92 10.90 -10.89
C PRO A 175 5.30 12.08 -11.64
N VAL A 176 5.04 13.18 -10.94
CA VAL A 176 4.34 14.32 -11.53
C VAL A 176 5.23 15.04 -12.55
N ASN A 177 6.54 14.88 -12.42
CA ASN A 177 7.44 15.58 -13.33
C ASN A 177 7.48 14.92 -14.70
N VAL A 178 7.27 13.62 -14.77
CA VAL A 178 7.28 12.98 -16.10
C VAL A 178 5.95 12.41 -16.53
N ALA A 179 4.98 12.38 -15.62
CA ALA A 179 3.68 11.82 -15.91
C ALA A 179 2.60 12.62 -15.21
N GLN A 180 2.76 13.94 -15.23
CA GLN A 180 1.87 14.84 -14.50
C GLN A 180 0.40 14.53 -14.71
N GLU A 181 0.03 14.21 -15.95
CA GLU A 181 -1.38 14.04 -16.29
CA GLU A 181 -1.34 13.96 -16.39
C GLU A 181 -2.04 12.89 -15.56
N HIS A 182 -1.26 11.92 -15.09
CA HIS A 182 -1.80 10.77 -14.39
C HIS A 182 -2.36 11.12 -13.02
N ALA A 183 -1.75 12.10 -12.37
CA ALA A 183 -2.10 12.33 -10.97
C ALA A 183 -3.60 12.60 -10.79
N VAL A 184 -4.19 13.40 -11.67
CA VAL A 184 -5.61 13.75 -11.54
C VAL A 184 -6.53 12.59 -11.93
N GLU A 185 -6.14 11.83 -12.94
CA GLU A 185 -6.85 10.60 -13.34
C GLU A 185 -6.88 9.60 -12.19
N VAL A 186 -5.77 9.46 -11.48
CA VAL A 186 -5.73 8.59 -10.32
C VAL A 186 -6.78 9.01 -9.27
N LEU A 187 -6.85 10.30 -8.99
CA LEU A 187 -7.85 10.81 -8.05
C LEU A 187 -9.26 10.43 -8.47
N GLU A 188 -9.59 10.72 -9.72
CA GLU A 188 -10.89 10.36 -10.28
C GLU A 188 -11.15 8.84 -10.23
N THR A 189 -10.11 8.02 -10.41
CA THR A 189 -10.26 6.56 -10.32
C THR A 189 -10.60 6.13 -8.90
N ILE A 190 -9.92 6.73 -7.93
CA ILE A 190 -10.17 6.46 -6.52
C ILE A 190 -11.64 6.74 -6.22
N ARG A 191 -12.12 7.90 -6.67
CA ARG A 191 -13.52 8.27 -6.45
C ARG A 191 -14.44 7.21 -7.05
N GLN A 192 -14.15 6.83 -8.30
CA GLN A 192 -14.96 5.83 -8.98
C GLN A 192 -14.99 4.48 -8.25
N ILE A 193 -13.82 4.00 -7.88
CA ILE A 193 -13.71 2.72 -7.16
C ILE A 193 -14.60 2.69 -5.93
N LYS A 194 -14.64 3.80 -5.20
CA LYS A 194 -15.43 3.82 -3.98
C LYS A 194 -16.93 3.66 -4.28
N LEU A 195 -17.29 3.65 -5.56
CA LEU A 195 -18.68 3.49 -5.98
C LEU A 195 -19.01 2.08 -6.46
N MET A 196 -18.00 1.23 -6.61
CA MET A 196 -18.16 0.00 -7.38
C MET A 196 -18.98 -1.11 -6.72
N ALA A 197 -18.99 -1.15 -5.39
CA ALA A 197 -19.75 -2.15 -4.67
C ALA A 197 -20.12 -1.66 -3.28
N ASN A 198 -20.87 -2.48 -2.56
CA ASN A 198 -21.23 -2.19 -1.18
C ASN A 198 -21.13 -3.46 -0.35
N PRO A 199 -20.20 -3.48 0.62
CA PRO A 199 -19.28 -2.36 0.85
C PRO A 199 -18.26 -2.19 -0.29
N ALA A 200 -17.65 -1.02 -0.34
CA ALA A 200 -16.77 -0.69 -1.45
C ALA A 200 -15.42 -1.36 -1.27
N PRO A 201 -14.73 -1.60 -2.39
CA PRO A 201 -13.35 -2.02 -2.25
C PRO A 201 -12.56 -0.87 -1.67
N ARG A 202 -11.48 -1.20 -0.97
CA ARG A 202 -10.62 -0.18 -0.45
C ARG A 202 -9.71 0.26 -1.58
N THR A 203 -8.92 1.30 -1.32
CA THR A 203 -8.01 1.85 -2.30
C THR A 203 -6.69 2.09 -1.61
N VAL A 204 -5.60 2.06 -2.39
CA VAL A 204 -4.28 2.27 -1.81
C VAL A 204 -3.38 2.84 -2.90
N LEU A 205 -2.26 3.46 -2.51
CA LEU A 205 -1.32 4.00 -3.48
C LEU A 205 0.08 3.83 -2.98
N GLY A 206 1.04 3.68 -3.89
CA GLY A 206 2.43 3.87 -3.55
C GLY A 206 2.67 5.36 -3.62
N LEU A 207 2.41 6.06 -2.52
CA LEU A 207 2.38 7.51 -2.55
C LEU A 207 3.65 8.14 -3.09
N SER A 208 4.79 7.64 -2.62
CA SER A 208 6.06 8.30 -2.92
C SER A 208 6.34 8.31 -4.41
N ASN A 209 5.71 7.40 -5.15
CA ASN A 209 5.84 7.43 -6.61
C ASN A 209 5.58 8.82 -7.20
N VAL A 210 4.73 9.61 -6.55
CA VAL A 210 4.27 10.85 -7.17
C VAL A 210 5.39 11.88 -7.27
N SER A 211 6.38 11.75 -6.40
CA SER A 211 7.51 12.67 -6.40
C SER A 211 8.83 11.99 -6.74
N GLN A 212 8.80 10.73 -7.18
CA GLN A 212 10.05 9.99 -7.34
C GLN A 212 10.97 10.65 -8.36
N LYS A 213 12.19 10.99 -7.93
CA LYS A 213 13.15 11.66 -8.80
C LYS A 213 12.63 13.02 -9.26
N CYS A 214 11.89 13.67 -8.35
CA CYS A 214 11.50 15.06 -8.49
C CYS A 214 12.21 15.83 -7.41
N PRO A 215 12.45 17.13 -7.64
CA PRO A 215 12.99 17.98 -6.58
C PRO A 215 11.91 18.28 -5.55
N ASP A 216 12.32 18.53 -4.32
CA ASP A 216 11.41 18.95 -3.25
C ASP A 216 10.18 18.05 -3.14
N ARG A 217 10.46 16.78 -2.83
CA ARG A 217 9.45 15.73 -2.77
C ARG A 217 8.47 15.86 -1.61
N PRO A 218 8.96 16.27 -0.43
CA PRO A 218 8.04 16.21 0.71
C PRO A 218 6.73 17.01 0.48
N LEU A 219 6.86 18.23 -0.06
CA LEU A 219 5.68 19.04 -0.35
C LEU A 219 4.73 18.32 -1.30
N ILE A 220 5.28 17.78 -2.37
CA ILE A 220 4.48 17.08 -3.37
C ILE A 220 3.80 15.84 -2.76
N ASN A 221 4.54 15.03 -2.01
CA ASN A 221 3.93 13.86 -1.40
C ASN A 221 2.73 14.21 -0.52
N ARG A 222 2.88 15.22 0.35
CA ARG A 222 1.84 15.49 1.34
C ARG A 222 0.64 16.19 0.71
N THR A 223 0.90 17.01 -0.30
CA THR A 223 -0.18 17.62 -1.04
C THR A 223 -0.99 16.52 -1.70
N TYR A 224 -0.32 15.62 -2.41
CA TYR A 224 -1.06 14.60 -3.13
C TYR A 224 -1.82 13.66 -2.19
N LEU A 225 -1.21 13.31 -1.06
CA LEU A 225 -1.87 12.43 -0.12
C LEU A 225 -3.19 13.05 0.33
N VAL A 226 -3.15 14.34 0.65
CA VAL A 226 -4.37 15.06 1.06
C VAL A 226 -5.41 15.01 -0.06
N MET A 227 -4.99 15.29 -1.28
CA MET A 227 -5.90 15.17 -2.42
C MET A 227 -6.46 13.75 -2.56
N ALA A 228 -5.59 12.75 -2.45
CA ALA A 228 -6.05 11.38 -2.60
C ALA A 228 -7.05 11.00 -1.53
N MET A 229 -6.75 11.37 -0.28
CA MET A 229 -7.63 11.08 0.83
C MET A 229 -9.00 11.73 0.63
N THR A 230 -8.98 12.96 0.15
CA THR A 230 -10.20 13.69 -0.17
C THR A 230 -11.01 12.89 -1.19
N ALA A 231 -10.30 12.32 -2.15
CA ALA A 231 -10.94 11.55 -3.23
C ALA A 231 -11.47 10.20 -2.75
N GLY A 232 -11.04 9.78 -1.56
CA GLY A 232 -11.51 8.53 -0.99
C GLY A 232 -10.43 7.50 -0.62
N LEU A 233 -9.16 7.87 -0.68
CA LEU A 233 -8.10 6.91 -0.39
C LEU A 233 -8.19 6.31 1.00
N ASP A 234 -8.09 4.97 1.09
CA ASP A 234 -8.15 4.29 2.39
C ASP A 234 -6.80 3.98 3.02
N ALA A 235 -5.77 3.85 2.20
CA ALA A 235 -4.46 3.45 2.69
C ALA A 235 -3.36 3.98 1.79
N ALA A 236 -2.15 4.03 2.30
CA ALA A 236 -1.03 4.36 1.43
C ALA A 236 0.28 3.75 1.91
N ILE A 237 1.05 3.23 0.97
CA ILE A 237 2.44 2.90 1.23
C ILE A 237 3.18 4.21 1.14
N MET A 238 3.84 4.59 2.23
CA MET A 238 4.28 5.96 2.40
C MET A 238 5.39 6.01 3.42
N ASP A 239 6.04 7.16 3.49
CA ASP A 239 7.11 7.35 4.44
C ASP A 239 6.53 7.85 5.76
N VAL A 240 6.27 6.93 6.68
CA VAL A 240 5.71 7.29 7.99
C VAL A 240 6.71 8.02 8.86
N ASP A 241 7.95 8.11 8.37
CA ASP A 241 8.98 8.83 9.09
C ASP A 241 8.91 10.33 8.78
N ASP A 242 8.13 10.68 7.77
CA ASP A 242 7.95 12.07 7.39
C ASP A 242 6.82 12.68 8.25
N ASP A 243 7.21 13.38 9.31
CA ASP A 243 6.25 13.95 10.28
C ASP A 243 5.27 14.92 9.65
N ALA A 244 5.74 15.71 8.69
CA ALA A 244 4.88 16.67 8.01
C ALA A 244 3.81 15.96 7.20
N LEU A 245 4.17 14.79 6.68
CA LEU A 245 3.25 14.03 5.83
C LEU A 245 2.14 13.46 6.70
N VAL A 246 2.54 12.87 7.81
CA VAL A 246 1.61 12.27 8.74
C VAL A 246 0.73 13.33 9.41
N ASP A 247 1.28 14.50 9.70
CA ASP A 247 0.46 15.63 10.17
C ASP A 247 -0.61 15.97 9.10
N ALA A 248 -0.18 16.07 7.85
CA ALA A 248 -1.08 16.36 6.74
C ALA A 248 -2.22 15.34 6.71
N ALA A 249 -1.87 14.06 6.83
CA ALA A 249 -2.86 12.98 6.82
C ALA A 249 -3.85 13.07 7.97
N ALA A 250 -3.33 13.29 9.18
CA ALA A 250 -4.16 13.39 10.36
C ALA A 250 -5.14 14.58 10.23
N THR A 251 -4.66 15.67 9.66
CA THR A 251 -5.49 16.85 9.49
C THR A 251 -6.61 16.59 8.49
N ALA A 252 -6.27 15.99 7.36
CA ALA A 252 -7.27 15.61 6.37
C ALA A 252 -8.29 14.65 6.97
N HIS A 253 -7.82 13.73 7.81
CA HIS A 253 -8.69 12.71 8.38
C HIS A 253 -9.72 13.35 9.29
N ILE A 254 -9.29 14.34 10.05
CA ILE A 254 -10.20 15.12 10.87
C ILE A 254 -11.14 15.94 9.97
N LEU A 255 -10.60 16.59 8.96
CA LEU A 255 -11.43 17.43 8.12
C LEU A 255 -12.48 16.62 7.37
N LEU A 256 -12.20 15.34 7.14
CA LEU A 256 -13.18 14.44 6.54
C LEU A 256 -14.19 13.95 7.58
N ASN A 257 -14.00 14.37 8.82
CA ASN A 257 -14.91 14.01 9.93
C ASN A 257 -14.90 12.51 10.27
N LYS A 258 -13.80 11.83 9.99
CA LYS A 258 -13.70 10.39 10.26
C LYS A 258 -13.17 10.09 11.67
N GLU A 259 -12.70 11.14 12.34
CA GLU A 259 -12.31 11.06 13.74
C GLU A 259 -12.70 12.38 14.41
N ILE A 260 -13.30 12.31 15.59
CA ILE A 260 -13.79 13.50 16.29
C ILE A 260 -12.63 14.44 16.56
N TYR A 261 -12.83 15.72 16.25
CA TYR A 261 -11.79 16.72 16.48
C TYR A 261 -11.46 16.85 17.96
N CYS A 262 -10.17 16.96 18.27
CA CYS A 262 -9.70 17.47 19.54
C CYS A 262 -8.40 18.21 19.29
N ASP A 263 -8.00 19.08 20.22
CA ASP A 263 -6.78 19.86 20.07
C ASP A 263 -5.53 19.00 19.89
N SER A 264 -5.54 17.79 20.43
CA SER A 264 -4.37 16.91 20.33
C SER A 264 -4.48 15.87 19.21
N TYR A 265 -5.23 16.19 18.15
CA TYR A 265 -5.52 15.21 17.10
C TYR A 265 -4.29 14.70 16.36
N LEU A 266 -3.22 15.48 16.34
CA LEU A 266 -2.02 15.05 15.61
C LEU A 266 -1.41 13.84 16.33
N LYS A 267 -1.44 13.84 17.66
CA LYS A 267 -1.00 12.70 18.45
C LYS A 267 -2.00 11.56 18.37
N THR A 268 -3.25 11.87 18.71
CA THR A 268 -4.32 10.90 18.65
C THR A 268 -4.23 10.03 17.41
N PHE A 269 -4.10 10.69 16.25
CA PHE A 269 -4.07 10.00 14.96
C PHE A 269 -2.97 8.95 14.88
N ARG A 270 -1.81 9.25 15.44
CA ARG A 270 -0.66 8.34 15.35
C ARG A 270 -0.80 7.09 16.24
N GLN A 271 -1.68 7.16 17.24
CA GLN A 271 -1.89 6.03 18.14
C GLN A 271 -2.94 5.10 17.55
N LYS A 272 -3.83 5.69 16.76
CA LYS A 272 -4.97 4.97 16.19
C LYS A 272 -4.57 4.06 15.02
S SO4 B . -10.94 1.70 12.44
O1 SO4 B . -12.21 1.00 12.69
O2 SO4 B . -11.13 3.15 12.59
O3 SO4 B . -9.92 1.27 13.39
O4 SO4 B . -10.53 1.40 11.08
S SO4 C . -12.01 -3.37 9.23
O1 SO4 C . -11.87 -2.05 9.85
O2 SO4 C . -10.70 -3.83 8.78
O3 SO4 C . -12.53 -4.31 10.22
O4 SO4 C . -12.93 -3.28 8.10
S SO4 D . -0.86 -16.53 13.68
O1 SO4 D . -1.51 -15.77 12.62
O2 SO4 D . 0.45 -17.00 13.23
O3 SO4 D . -0.69 -15.71 14.87
O4 SO4 D . -1.70 -17.68 14.00
S SO4 E . 16.22 7.58 4.73
O1 SO4 E . 14.94 6.89 4.66
O2 SO4 E . 16.15 8.79 3.91
O3 SO4 E . 16.50 7.95 6.12
O4 SO4 E . 17.30 6.74 4.22
S SO4 F . 9.75 16.09 9.44
O1 SO4 F . 9.97 14.63 9.52
O2 SO4 F . 8.62 16.42 8.58
O3 SO4 F . 9.49 16.62 10.77
O4 SO4 F . 10.96 16.73 8.91
S SO4 G . 17.52 -18.11 -7.30
O1 SO4 G . 16.60 -18.88 -6.47
O2 SO4 G . 16.97 -16.78 -7.58
O3 SO4 G . 18.81 -17.99 -6.62
O4 SO4 G . 17.70 -18.82 -8.56
S SO4 H . 1.30 -16.71 -18.84
O1 SO4 H . -0.16 -16.78 -18.88
O2 SO4 H . 1.72 -15.37 -19.27
O3 SO4 H . 1.78 -16.96 -17.48
O4 SO4 H . 1.85 -17.72 -19.73
C1 GOL I . -2.71 -8.77 13.79
O1 GOL I . -1.78 -8.45 12.77
C2 GOL I . -4.06 -9.04 13.15
O2 GOL I . -3.87 -9.87 12.02
C3 GOL I . -4.98 -9.74 14.15
O3 GOL I . -6.27 -9.17 14.09
N3 THG J . 1.97 0.38 -5.44
C2 THG J . 2.09 -0.73 -4.70
N1 THG J . 3.28 -1.08 -4.14
C8A THG J . 4.40 -0.30 -4.35
C4A THG J . 4.26 0.82 -5.11
C4 THG J . 3.02 1.16 -5.65
N8 THG J . 5.65 -0.71 -3.83
C7 THG J . 6.87 -0.01 -4.20
C6 THG J . 6.54 1.46 -4.49
N5 THG J . 5.39 1.67 -5.34
C9 THG J . 6.24 2.19 -3.18
N10 THG J . 7.41 2.21 -2.33
C4' THG J . 8.45 3.23 -2.53
C3' THG J . 8.32 4.17 -3.57
C2' THG J . 9.31 5.15 -3.74
C1' THG J . 10.39 5.18 -2.88
C6' THG J . 10.51 4.24 -1.85
C5' THG J . 9.52 3.27 -1.69
C11 THG J . 11.50 6.20 -3.08
N THG J . 12.88 5.75 -3.01
CA THG J . 14.03 6.67 -3.03
C THG J . 14.23 7.33 -4.33
OX2 THG J . 14.72 8.49 -4.39
OX1 THG J . 14.03 6.69 -5.39
CB THG J . 15.30 5.87 -2.68
CG THG J . 16.45 6.84 -2.24
CD THG J . 17.61 6.03 -1.75
OE1 THG J . 18.22 6.38 -0.72
OE2 THG J . 17.90 4.95 -2.34
O11 THG J . 11.24 7.27 -3.56
O4 THG J . 2.89 2.17 -6.34
N2 THG J . 0.92 -1.55 -4.51
#